data_9JVN
#
_entry.id   9JVN
#
loop_
_entity.id
_entity.type
_entity.pdbx_description
1 polymer "DNA (5'-D(*CP*GP*CP*AP*CP*GP*CP*G)-3')"
2 polymer "RNA (5'-R(*CP*GP*CP*GP*UP*GP*CP*G)-3')"
#
loop_
_entity_poly.entity_id
_entity_poly.type
_entity_poly.pdbx_seq_one_letter_code
_entity_poly.pdbx_strand_id
1 'polydeoxyribonucleotide' (DC)(DG)(DC)(DA)(DC)(DG)(DC)(DG) A
2 'polyribonucleotide' CGCGUGCG B
#
loop_
_chem_comp.id
_chem_comp.type
_chem_comp.name
_chem_comp.formula
C RNA linking CYTIDINE-5'-MONOPHOSPHATE 'C9 H14 N3 O8 P'
DA DNA linking 2'-DEOXYADENOSINE-5'-MONOPHOSPHATE 'C10 H14 N5 O6 P'
DC DNA linking 2'-DEOXYCYTIDINE-5'-MONOPHOSPHATE 'C9 H14 N3 O7 P'
DG DNA linking 2'-DEOXYGUANOSINE-5'-MONOPHOSPHATE 'C10 H14 N5 O7 P'
G RNA linking GUANOSINE-5'-MONOPHOSPHATE 'C10 H14 N5 O8 P'
U RNA linking URIDINE-5'-MONOPHOSPHATE 'C9 H13 N2 O9 P'
#